data_6RZ9
#
_entry.id   6RZ9
#
_cell.length_a   69.630
_cell.length_b   170.210
_cell.length_c   85.740
_cell.angle_alpha   90.00
_cell.angle_beta   90.00
_cell.angle_gamma   90.00
#
_symmetry.space_group_name_H-M   'C 2 2 21'
#
loop_
_entity.id
_entity.type
_entity.pdbx_description
1 polymer 'Cysteinyl leukotriene receptor 2,Soluble cytochrome b562,Cysteinyl leukotriene receptor 2'
2 non-polymer '(2~{S})-8-[[4-[4-(5-fluoranyl-2-methyl-phenyl)butoxy]phenyl]carbonylamino]-4-(4-oxidanyl-4-oxidanylidene-butyl)-2,3-dih ydro-1,4-benzoxazine-2-carboxylic acid'
3 non-polymer CHOLESTEROL
4 non-polymer 'PENTAETHYLENE GLYCOL'
5 non-polymer '(2R)-2,3-dihydroxypropyl (9Z)-octadec-9-enoate'
6 non-polymer 'OLEIC ACID'
7 water water
#
_entity_poly.entity_id   1
_entity_poly.type   'polypeptide(L)'
_entity_poly.pdbx_seq_one_letter_code
;MEPNGTFSNNNSRNCTIENFKREFFPIVYLIIFFVGVLGNGLSIYVFLQPYKKSTSVNVFMLNLAISNLLFISTLPFRAD
YYLRGSNWIFGDLACRIMSYSLYVNMYSSIYFLTVLSVVRYLAMVHPFRLLHVTSIRSAWILCGIIWILIMASSIMLLDS
GSEQNGSVTSCLELNLYKIAKLQTMNYIALVVGCLLPFFTLSICYLLIIRVLLKVEADLEDNWETLNDNLKVIEKADNAA
QVKDALTKMRAAALDAQKATPPKLEDKSPDSPEMKDFRHGFDILVGQIDDALKLANEGKVKEAQAAAEQLKTTRNAYIQK
YLVSHRKALTTIIITLIIFFLCFLPYHTLRTVHLTTWKVGLCKDRLHKALVITLALAAANACFNPLLYYFAGENFKDRLK
SALRK
;
_entity_poly.pdbx_strand_id   A
#
loop_
_chem_comp.id
_chem_comp.type
_chem_comp.name
_chem_comp.formula
1PE non-polymer 'PENTAETHYLENE GLYCOL' 'C10 H22 O6'
CLR non-polymer CHOLESTEROL 'C27 H46 O'
KO5 non-polymer '(2~{S})-8-[[4-[4-(5-fluoranyl-2-methyl-phenyl)butoxy]phenyl]carbonylamino]-4-(4-oxidanyl-4-oxidanylidene-butyl)-2,3-dih ydro-1,4-benzoxazine-2-carboxylic acid' 'C31 H33 F N2 O7'
OLA non-polymer 'OLEIC ACID' 'C18 H34 O2'
OLC non-polymer '(2R)-2,3-dihydroxypropyl (9Z)-octadec-9-enoate' 'C21 H40 O4'
#
# COMPACT_ATOMS: atom_id res chain seq x y z
N CYS A 15 13.84 -37.34 -7.07
CA CYS A 15 14.50 -36.09 -7.43
C CYS A 15 15.10 -35.46 -6.16
N THR A 16 16.22 -34.74 -6.33
CA THR A 16 16.91 -34.16 -5.18
C THR A 16 16.23 -32.92 -4.63
N ILE A 17 15.38 -32.28 -5.43
CA ILE A 17 14.65 -31.12 -4.94
C ILE A 17 13.83 -31.47 -3.71
N GLU A 18 13.42 -32.72 -3.55
CA GLU A 18 12.58 -33.02 -2.41
C GLU A 18 13.40 -32.94 -1.13
N ASN A 19 14.65 -33.40 -1.20
CA ASN A 19 15.57 -33.20 -0.09
C ASN A 19 15.82 -31.73 0.16
N PHE A 20 16.00 -30.93 -0.90
CA PHE A 20 16.10 -29.48 -0.70
C PHE A 20 14.87 -28.91 0.00
N LYS A 21 13.69 -29.26 -0.49
CA LYS A 21 12.43 -28.72 0.02
C LYS A 21 12.24 -29.01 1.49
N ARG A 22 12.52 -30.25 1.92
CA ARG A 22 12.18 -30.65 3.28
C ARG A 22 13.02 -29.89 4.29
N GLU A 23 14.16 -29.36 3.90
CA GLU A 23 14.95 -28.50 4.76
C GLU A 23 14.61 -27.02 4.57
N PHE A 24 14.41 -26.59 3.32
CA PHE A 24 14.22 -25.18 3.02
C PHE A 24 12.88 -24.65 3.53
N PHE A 25 11.79 -25.34 3.24
CA PHE A 25 10.48 -24.79 3.62
C PHE A 25 10.26 -24.63 5.11
N PRO A 26 10.61 -25.58 5.99
CA PRO A 26 10.36 -25.35 7.42
C PRO A 26 11.04 -24.08 7.94
N ILE A 27 12.26 -23.83 7.49
CA ILE A 27 13.01 -22.65 7.95
C ILE A 27 12.25 -21.37 7.58
N VAL A 28 11.97 -21.18 6.30
CA VAL A 28 11.40 -19.92 5.85
C VAL A 28 9.95 -19.78 6.33
N TYR A 29 9.19 -20.88 6.31
CA TYR A 29 7.82 -20.80 6.79
C TYR A 29 7.75 -20.43 8.26
N LEU A 30 8.63 -20.98 9.11
CA LEU A 30 8.56 -20.61 10.52
C LEU A 30 9.10 -19.20 10.77
N ILE A 31 10.13 -18.79 10.03
CA ILE A 31 10.60 -17.40 10.12
C ILE A 31 9.45 -16.45 9.80
N ILE A 32 8.76 -16.71 8.69
CA ILE A 32 7.64 -15.88 8.28
C ILE A 32 6.55 -15.91 9.33
N PHE A 33 6.29 -17.09 9.91
CA PHE A 33 5.28 -17.20 10.94
C PHE A 33 5.56 -16.24 12.09
N PHE A 34 6.72 -16.37 12.73
CA PHE A 34 6.98 -15.56 13.91
C PHE A 34 7.07 -14.07 13.58
N VAL A 35 7.83 -13.71 12.54
CA VAL A 35 7.92 -12.29 12.16
C VAL A 35 6.54 -11.74 11.84
N GLY A 36 5.70 -12.53 11.17
CA GLY A 36 4.42 -12.03 10.71
C GLY A 36 3.41 -11.93 11.81
N VAL A 37 3.46 -12.85 12.78
CA VAL A 37 2.60 -12.73 13.95
C VAL A 37 2.95 -11.48 14.73
N LEU A 38 4.24 -11.23 14.97
CA LEU A 38 4.59 -10.02 15.69
C LEU A 38 4.12 -8.78 14.93
N GLY A 39 4.52 -8.66 13.65
CA GLY A 39 4.18 -7.47 12.89
C GLY A 39 2.69 -7.24 12.75
N ASN A 40 1.95 -8.27 12.33
CA ASN A 40 0.53 -8.10 12.08
C ASN A 40 -0.27 -7.97 13.37
N GLY A 41 0.03 -8.77 14.39
CA GLY A 41 -0.64 -8.60 15.67
C GLY A 41 -0.50 -7.18 16.19
N LEU A 42 0.73 -6.64 16.15
CA LEU A 42 0.94 -5.28 16.63
C LEU A 42 0.22 -4.27 15.74
N SER A 43 0.25 -4.48 14.41
CA SER A 43 -0.39 -3.56 13.49
C SER A 43 -1.90 -3.52 13.73
N ILE A 44 -2.53 -4.68 13.84
CA ILE A 44 -3.97 -4.74 14.07
C ILE A 44 -4.32 -4.12 15.42
N TYR A 45 -3.54 -4.42 16.46
CA TYR A 45 -3.74 -3.77 17.74
C TYR A 45 -3.72 -2.24 17.61
N VAL A 46 -2.76 -1.71 16.85
CA VAL A 46 -2.67 -0.26 16.66
C VAL A 46 -3.88 0.27 15.91
N PHE A 47 -4.19 -0.34 14.76
CA PHE A 47 -5.36 0.03 13.95
C PHE A 47 -6.62 0.23 14.80
N LEU A 48 -6.90 -0.72 15.68
CA LEU A 48 -8.14 -0.70 16.44
C LEU A 48 -8.11 0.28 17.61
N GLN A 49 -7.11 1.15 17.67
CA GLN A 49 -7.11 2.12 18.76
C GLN A 49 -7.92 3.35 18.37
N PRO A 50 -8.71 3.89 19.32
CA PRO A 50 -9.56 5.03 18.99
C PRO A 50 -8.72 6.27 18.68
N TYR A 51 -9.16 7.02 17.66
CA TYR A 51 -8.50 8.27 17.32
C TYR A 51 -9.55 9.19 16.73
N LYS A 52 -9.35 10.50 16.94
CA LYS A 52 -10.38 11.49 16.61
C LYS A 52 -10.82 11.43 15.14
N LYS A 53 -9.95 10.95 14.24
CA LYS A 53 -10.29 10.88 12.83
C LYS A 53 -9.89 9.52 12.27
N SER A 54 -10.62 9.08 11.24
CA SER A 54 -10.37 7.82 10.57
C SER A 54 -10.54 8.01 9.06
N THR A 55 -9.96 7.07 8.29
CA THR A 55 -9.85 7.22 6.85
C THR A 55 -10.07 5.87 6.19
N SER A 56 -10.41 5.89 4.90
CA SER A 56 -10.60 4.67 4.13
C SER A 56 -9.30 3.85 3.99
N VAL A 57 -8.15 4.52 3.97
CA VAL A 57 -6.89 3.79 3.85
C VAL A 57 -6.67 2.92 5.06
N ASN A 58 -7.17 3.34 6.23
CA ASN A 58 -7.14 2.47 7.39
C ASN A 58 -7.97 1.21 7.15
N VAL A 59 -9.11 1.34 6.47
CA VAL A 59 -9.92 0.17 6.12
C VAL A 59 -9.12 -0.79 5.25
N PHE A 60 -8.48 -0.26 4.20
CA PHE A 60 -7.76 -1.15 3.28
C PHE A 60 -6.58 -1.82 3.98
N MET A 61 -5.84 -1.07 4.79
CA MET A 61 -4.71 -1.65 5.51
C MET A 61 -5.18 -2.72 6.49
N LEU A 62 -6.27 -2.45 7.23
CA LEU A 62 -6.80 -3.43 8.17
C LEU A 62 -7.19 -4.72 7.46
N ASN A 63 -7.87 -4.60 6.31
CA ASN A 63 -8.23 -5.80 5.55
C ASN A 63 -6.99 -6.56 5.12
N LEU A 64 -5.97 -5.84 4.65
CA LEU A 64 -4.73 -6.49 4.24
C LEU A 64 -4.08 -7.24 5.41
N ALA A 65 -4.03 -6.61 6.58
CA ALA A 65 -3.36 -7.21 7.72
C ALA A 65 -4.11 -8.43 8.22
N ILE A 66 -5.45 -8.37 8.22
CA ILE A 66 -6.24 -9.54 8.60
C ILE A 66 -6.00 -10.69 7.65
N SER A 67 -6.06 -10.43 6.34
CA SER A 67 -5.77 -11.48 5.36
C SER A 67 -4.40 -12.11 5.60
N ASN A 68 -3.38 -11.26 5.80
CA ASN A 68 -2.03 -11.79 5.99
C ASN A 68 -1.94 -12.65 7.25
N LEU A 69 -2.60 -12.22 8.33
CA LEU A 69 -2.48 -12.96 9.59
C LEU A 69 -3.21 -14.30 9.50
N LEU A 70 -4.39 -14.31 8.86
CA LEU A 70 -5.05 -15.58 8.58
C LEU A 70 -4.15 -16.53 7.82
N PHE A 71 -3.56 -16.07 6.71
CA PHE A 71 -2.65 -16.92 5.95
C PHE A 71 -1.49 -17.41 6.82
N ILE A 72 -0.86 -16.50 7.58
CA ILE A 72 0.26 -16.87 8.44
C ILE A 72 -0.12 -17.98 9.41
N SER A 73 -1.38 -18.02 9.84
CA SER A 73 -1.77 -19.07 10.77
C SER A 73 -1.71 -20.48 10.18
N THR A 74 -1.57 -20.62 8.85
CA THR A 74 -1.50 -21.94 8.23
C THR A 74 -0.08 -22.48 8.10
N LEU A 75 0.94 -21.65 8.32
CA LEU A 75 2.32 -22.00 8.02
C LEU A 75 2.91 -23.11 8.89
N PRO A 76 2.58 -23.19 10.19
CA PRO A 76 3.13 -24.32 10.98
C PRO A 76 2.70 -25.67 10.46
N PHE A 77 1.53 -25.76 9.82
CA PHE A 77 1.08 -27.03 9.26
C PHE A 77 1.91 -27.41 8.03
N ARG A 78 2.19 -26.45 7.16
CA ARG A 78 3.03 -26.73 5.99
C ARG A 78 4.43 -27.14 6.45
N ALA A 79 4.98 -26.42 7.44
CA ALA A 79 6.26 -26.80 8.01
C ALA A 79 6.23 -28.21 8.56
N ASP A 80 5.15 -28.58 9.27
CA ASP A 80 5.01 -29.94 9.78
C ASP A 80 5.04 -30.94 8.63
N TYR A 81 4.24 -30.70 7.59
CA TYR A 81 4.27 -31.54 6.40
C TYR A 81 5.69 -31.85 5.96
N TYR A 82 6.49 -30.80 5.76
CA TYR A 82 7.83 -31.07 5.25
C TYR A 82 8.72 -31.73 6.30
N LEU A 83 8.56 -31.37 7.58
CA LEU A 83 9.34 -31.98 8.64
C LEU A 83 9.04 -33.47 8.84
N ARG A 84 7.90 -33.96 8.36
CA ARG A 84 7.61 -35.37 8.46
C ARG A 84 8.06 -36.17 7.23
N GLY A 85 8.90 -35.60 6.38
CA GLY A 85 9.29 -36.29 5.17
C GLY A 85 8.24 -36.24 4.10
N SER A 86 7.44 -35.17 4.07
CA SER A 86 6.36 -34.97 3.09
C SER A 86 5.21 -35.96 3.35
N ASN A 87 4.76 -36.02 4.60
CA ASN A 87 3.61 -36.84 4.98
C ASN A 87 2.59 -35.95 5.67
N TRP A 88 1.42 -35.82 5.06
CA TRP A 88 0.34 -34.99 5.57
C TRP A 88 -0.53 -35.82 6.53
N ILE A 89 -0.74 -35.32 7.74
CA ILE A 89 -1.51 -36.05 8.73
C ILE A 89 -2.79 -35.34 9.17
N PHE A 90 -3.09 -34.18 8.59
CA PHE A 90 -4.14 -33.32 9.10
C PHE A 90 -5.49 -33.50 8.42
N GLY A 91 -5.61 -34.46 7.51
CA GLY A 91 -6.89 -34.72 6.88
C GLY A 91 -7.03 -34.00 5.53
N ASP A 92 -8.01 -34.47 4.76
CA ASP A 92 -8.18 -34.01 3.38
C ASP A 92 -8.64 -32.56 3.32
N LEU A 93 -9.62 -32.21 4.15
CA LEU A 93 -10.15 -30.85 4.18
C LEU A 93 -9.05 -29.84 4.53
N ALA A 94 -8.17 -30.18 5.47
CA ALA A 94 -7.10 -29.27 5.85
C ALA A 94 -6.15 -28.99 4.68
N CYS A 95 -5.87 -30.02 3.86
CA CYS A 95 -5.03 -29.83 2.69
C CYS A 95 -5.70 -28.87 1.70
N ARG A 96 -6.98 -29.14 1.41
CA ARG A 96 -7.78 -28.23 0.60
C ARG A 96 -7.64 -26.78 1.09
N ILE A 97 -7.78 -26.60 2.40
CA ILE A 97 -7.73 -25.26 2.98
C ILE A 97 -6.34 -24.66 2.84
N MET A 98 -5.28 -25.47 2.97
CA MET A 98 -3.93 -24.96 2.72
C MET A 98 -3.85 -24.28 1.36
N SER A 99 -4.24 -25.01 0.32
CA SER A 99 -4.22 -24.47 -1.03
C SER A 99 -5.05 -23.18 -1.11
N TYR A 100 -6.28 -23.25 -0.62
CA TYR A 100 -7.22 -22.14 -0.76
C TYR A 100 -6.71 -20.89 -0.06
N SER A 101 -6.22 -21.05 1.18
CA SER A 101 -5.72 -19.90 1.93
C SER A 101 -4.53 -19.27 1.25
N LEU A 102 -3.58 -20.10 0.78
CA LEU A 102 -2.44 -19.54 0.05
C LEU A 102 -2.88 -18.60 -1.07
N TYR A 103 -3.77 -19.10 -1.95
CA TYR A 103 -4.03 -18.29 -3.14
C TYR A 103 -4.97 -17.13 -2.85
N VAL A 104 -5.93 -17.30 -1.94
CA VAL A 104 -6.82 -16.19 -1.60
C VAL A 104 -6.01 -15.06 -0.97
N ASN A 105 -5.11 -15.40 -0.03
CA ASN A 105 -4.26 -14.35 0.54
C ASN A 105 -3.46 -13.64 -0.54
N MET A 106 -2.81 -14.41 -1.41
CA MET A 106 -1.94 -13.78 -2.41
C MET A 106 -2.68 -12.74 -3.24
N TYR A 107 -3.84 -13.12 -3.81
CA TYR A 107 -4.45 -12.17 -4.73
C TYR A 107 -5.26 -11.09 -4.02
N SER A 108 -5.80 -11.38 -2.83
CA SER A 108 -6.42 -10.31 -2.05
C SER A 108 -5.39 -9.27 -1.67
N SER A 109 -4.18 -9.70 -1.30
CA SER A 109 -3.10 -8.77 -1.01
C SER A 109 -2.76 -7.91 -2.21
N ILE A 110 -2.58 -8.54 -3.38
CA ILE A 110 -2.23 -7.78 -4.57
C ILE A 110 -3.25 -6.69 -4.86
N TYR A 111 -4.55 -7.03 -4.79
CA TYR A 111 -5.57 -6.01 -5.04
C TYR A 111 -5.66 -4.96 -3.94
N PHE A 112 -5.46 -5.34 -2.67
CA PHE A 112 -5.50 -4.33 -1.61
C PHE A 112 -4.36 -3.32 -1.77
N LEU A 113 -3.19 -3.80 -2.17
CA LEU A 113 -2.07 -2.89 -2.43
C LEU A 113 -2.37 -1.96 -3.60
N THR A 114 -2.90 -2.52 -4.69
CA THR A 114 -3.19 -1.71 -5.86
C THR A 114 -4.22 -0.62 -5.54
N VAL A 115 -5.30 -1.00 -4.86
CA VAL A 115 -6.31 -0.03 -4.46
C VAL A 115 -5.69 1.05 -3.57
N LEU A 116 -4.81 0.64 -2.65
CA LEU A 116 -4.22 1.62 -1.74
C LEU A 116 -3.43 2.68 -2.51
N SER A 117 -2.62 2.24 -3.47
CA SER A 117 -1.89 3.21 -4.29
C SER A 117 -2.83 4.12 -5.06
N VAL A 118 -3.88 3.55 -5.66
CA VAL A 118 -4.82 4.38 -6.44
C VAL A 118 -5.45 5.44 -5.54
N VAL A 119 -5.85 5.03 -4.32
CA VAL A 119 -6.49 5.93 -3.38
C VAL A 119 -5.54 7.07 -3.00
N ARG A 120 -4.28 6.73 -2.71
CA ARG A 120 -3.32 7.79 -2.35
C ARG A 120 -3.14 8.79 -3.48
N TYR A 121 -3.03 8.33 -4.73
CA TYR A 121 -3.03 9.26 -5.85
C TYR A 121 -4.25 10.17 -5.86
N LEU A 122 -5.45 9.56 -5.81
CA LEU A 122 -6.67 10.37 -5.86
C LEU A 122 -6.73 11.36 -4.71
N ALA A 123 -6.14 11.01 -3.57
CA ALA A 123 -6.13 11.92 -2.44
C ALA A 123 -5.19 13.10 -2.70
N MET A 124 -3.95 12.81 -3.09
CA MET A 124 -2.98 13.87 -3.33
C MET A 124 -3.49 14.87 -4.38
N VAL A 125 -4.36 14.45 -5.30
CA VAL A 125 -4.96 15.46 -6.19
C VAL A 125 -5.74 16.50 -5.40
N HIS A 126 -6.45 16.07 -4.35
CA HIS A 126 -7.40 16.90 -3.61
C HIS A 126 -7.10 16.87 -2.10
N PRO A 127 -6.06 17.59 -1.66
CA PRO A 127 -5.66 17.52 -0.24
C PRO A 127 -6.66 18.12 0.73
N PHE A 128 -7.54 19.02 0.28
CA PHE A 128 -8.49 19.69 1.17
C PHE A 128 -9.90 19.14 1.07
N ARG A 129 -10.36 18.80 -0.13
CA ARG A 129 -11.71 18.29 -0.29
C ARG A 129 -11.70 17.08 -1.23
N HIS A 132 -15.27 12.45 3.80
CA HIS A 132 -16.71 12.24 3.74
C HIS A 132 -17.14 11.01 4.53
N VAL A 133 -18.31 11.12 5.17
CA VAL A 133 -18.95 10.00 5.85
C VAL A 133 -19.01 8.78 4.95
N THR A 134 -19.42 9.00 3.71
CA THR A 134 -19.56 7.93 2.72
C THR A 134 -18.28 7.19 2.36
N SER A 135 -17.15 7.88 2.19
CA SER A 135 -15.97 7.10 1.81
C SER A 135 -15.49 6.08 2.84
N ILE A 136 -15.88 6.15 4.12
CA ILE A 136 -15.48 5.07 5.02
C ILE A 136 -16.24 3.79 4.68
N ARG A 137 -17.56 3.93 4.53
CA ARG A 137 -18.44 2.83 4.13
C ARG A 137 -18.11 2.33 2.73
N SER A 138 -17.75 3.24 1.83
CA SER A 138 -17.33 2.85 0.49
C SER A 138 -16.08 1.99 0.52
N ALA A 139 -15.14 2.27 1.44
CA ALA A 139 -13.95 1.44 1.50
C ALA A 139 -14.30 0.01 1.91
N TRP A 140 -15.21 -0.15 2.87
CA TRP A 140 -15.70 -1.47 3.24
C TRP A 140 -16.45 -2.15 2.10
N ILE A 141 -17.32 -1.42 1.41
CA ILE A 141 -18.04 -2.00 0.28
C ILE A 141 -17.06 -2.53 -0.76
N LEU A 142 -16.05 -1.73 -1.11
CA LEU A 142 -15.07 -2.17 -2.08
C LEU A 142 -14.29 -3.40 -1.59
N CYS A 143 -13.86 -3.37 -0.32
CA CYS A 143 -13.16 -4.53 0.23
C CYS A 143 -14.02 -5.78 0.14
N GLY A 144 -15.31 -5.66 0.48
CA GLY A 144 -16.18 -6.80 0.40
C GLY A 144 -16.31 -7.32 -1.02
N ILE A 145 -16.38 -6.41 -2.00
CA ILE A 145 -16.40 -6.82 -3.40
C ILE A 145 -15.16 -7.65 -3.70
N ILE A 146 -14.00 -7.16 -3.29
CA ILE A 146 -12.74 -7.83 -3.62
C ILE A 146 -12.71 -9.22 -2.98
N TRP A 147 -13.10 -9.30 -1.70
CA TRP A 147 -13.14 -10.60 -1.04
C TRP A 147 -14.07 -11.57 -1.77
N ILE A 148 -15.30 -11.13 -2.06
CA ILE A 148 -16.24 -12.02 -2.74
C ILE A 148 -15.65 -12.51 -4.06
N LEU A 149 -15.12 -11.60 -4.88
CA LEU A 149 -14.67 -12.00 -6.21
C LEU A 149 -13.50 -12.98 -6.13
N ILE A 150 -12.54 -12.72 -5.24
CA ILE A 150 -11.38 -13.59 -5.18
C ILE A 150 -11.74 -14.94 -4.54
N MET A 151 -12.60 -14.93 -3.53
CA MET A 151 -13.01 -16.18 -2.90
C MET A 151 -13.84 -17.03 -3.84
N ALA A 152 -14.74 -16.42 -4.61
CA ALA A 152 -15.50 -17.15 -5.61
C ALA A 152 -14.60 -17.67 -6.71
N SER A 153 -13.59 -16.89 -7.10
CA SER A 153 -12.69 -17.33 -8.16
C SER A 153 -11.80 -18.47 -7.71
N SER A 154 -11.64 -18.69 -6.41
CA SER A 154 -10.69 -19.66 -5.90
C SER A 154 -11.32 -20.96 -5.41
N ILE A 155 -12.65 -21.08 -5.43
CA ILE A 155 -13.30 -22.23 -4.80
C ILE A 155 -12.97 -23.54 -5.52
N MET A 156 -12.45 -23.47 -6.75
CA MET A 156 -11.94 -24.67 -7.41
C MET A 156 -11.08 -25.49 -6.46
N LEU A 157 -10.16 -24.80 -5.75
CA LEU A 157 -9.21 -25.47 -4.90
C LEU A 157 -9.90 -26.25 -3.79
N LEU A 158 -11.04 -25.76 -3.32
CA LEU A 158 -11.79 -26.48 -2.28
C LEU A 158 -12.39 -27.79 -2.79
N ASP A 159 -12.65 -27.90 -4.09
CA ASP A 159 -13.23 -29.13 -4.63
C ASP A 159 -12.22 -30.24 -4.87
N SER A 160 -10.94 -29.89 -5.03
CA SER A 160 -9.90 -30.90 -5.19
C SER A 160 -9.15 -31.16 -3.89
N GLU A 163 -2.88 -35.54 0.57
CA GLU A 163 -3.83 -36.59 0.95
C GLU A 163 -4.10 -37.50 -0.24
N GLN A 164 -3.65 -37.06 -1.43
CA GLN A 164 -3.90 -37.83 -2.64
C GLN A 164 -3.13 -39.15 -2.63
N ASN A 165 -1.88 -39.14 -2.14
CA ASN A 165 -0.91 -40.18 -2.43
C ASN A 165 -1.25 -41.47 -1.69
N GLY A 166 -0.53 -42.53 -2.08
CA GLY A 166 -0.66 -43.82 -1.43
C GLY A 166 0.64 -44.24 -0.77
N SER A 167 0.52 -44.97 0.34
CA SER A 167 1.62 -45.40 1.22
C SER A 167 2.19 -44.23 2.00
N VAL A 168 1.94 -43.01 1.52
CA VAL A 168 2.20 -41.79 2.27
C VAL A 168 1.08 -40.83 1.88
N THR A 169 0.92 -39.78 2.68
CA THR A 169 -0.11 -38.78 2.42
C THR A 169 0.59 -37.51 1.97
N SER A 170 0.43 -37.15 0.70
CA SER A 170 1.13 -36.02 0.12
C SER A 170 0.14 -34.88 -0.11
N CYS A 171 0.52 -33.70 0.32
CA CYS A 171 -0.21 -32.47 0.08
C CYS A 171 0.79 -31.45 -0.44
N LEU A 172 0.28 -30.39 -1.05
CA LEU A 172 1.06 -29.22 -1.46
C LEU A 172 1.88 -29.52 -2.71
N GLU A 173 1.64 -30.64 -3.38
CA GLU A 173 2.53 -31.12 -4.43
C GLU A 173 1.85 -30.98 -5.78
N LEU A 174 2.61 -30.54 -6.78
CA LEU A 174 2.16 -30.60 -8.15
C LEU A 174 2.23 -32.04 -8.65
N ASN A 175 1.21 -32.45 -9.40
CA ASN A 175 1.11 -33.83 -9.84
C ASN A 175 0.24 -33.88 -11.09
N LEU A 176 0.27 -35.05 -11.75
CA LEU A 176 -0.42 -35.21 -13.02
C LEU A 176 -1.90 -34.87 -12.92
N TYR A 177 -2.57 -35.35 -11.88
CA TYR A 177 -4.01 -35.15 -11.73
C TYR A 177 -4.41 -33.69 -11.92
N LYS A 178 -3.62 -32.75 -11.40
CA LYS A 178 -4.02 -31.35 -11.44
C LYS A 178 -3.25 -30.54 -12.49
N ILE A 179 -2.30 -31.15 -13.21
CA ILE A 179 -1.40 -30.35 -14.06
C ILE A 179 -2.22 -29.53 -15.06
N ALA A 180 -3.04 -30.20 -15.86
CA ALA A 180 -3.81 -29.49 -16.87
C ALA A 180 -4.65 -28.41 -16.23
N LYS A 181 -5.30 -28.73 -15.10
CA LYS A 181 -6.14 -27.75 -14.44
C LYS A 181 -5.34 -26.50 -14.14
N LEU A 182 -4.18 -26.66 -13.51
CA LEU A 182 -3.44 -25.48 -13.09
C LEU A 182 -2.89 -24.74 -14.29
N GLN A 183 -2.56 -25.46 -15.37
CA GLN A 183 -2.12 -24.79 -16.58
C GLN A 183 -3.17 -23.79 -17.05
N THR A 184 -4.44 -24.17 -16.98
CA THR A 184 -5.48 -23.23 -17.36
C THR A 184 -5.60 -22.12 -16.32
N MET A 185 -5.60 -22.49 -15.04
CA MET A 185 -5.88 -21.50 -13.99
C MET A 185 -4.80 -20.42 -13.96
N ASN A 186 -3.53 -20.84 -13.96
CA ASN A 186 -2.41 -19.90 -14.09
C ASN A 186 -2.71 -18.83 -15.13
N TYR A 187 -3.27 -19.26 -16.27
CA TYR A 187 -3.37 -18.36 -17.40
C TYR A 187 -4.18 -17.14 -17.01
N ILE A 188 -5.26 -17.35 -16.26
CA ILE A 188 -6.11 -16.24 -15.82
C ILE A 188 -5.44 -15.49 -14.69
N ALA A 189 -4.91 -16.21 -13.71
CA ALA A 189 -4.37 -15.56 -12.52
C ALA A 189 -3.13 -14.76 -12.88
N LEU A 190 -2.31 -15.28 -13.79
CA LEU A 190 -1.19 -14.51 -14.31
C LEU A 190 -1.67 -13.16 -14.85
N VAL A 191 -2.72 -13.19 -15.68
CA VAL A 191 -3.09 -11.98 -16.41
C VAL A 191 -3.91 -11.04 -15.53
N VAL A 192 -4.99 -11.53 -14.94
CA VAL A 192 -5.86 -10.64 -14.17
C VAL A 192 -5.36 -10.46 -12.74
N GLY A 193 -4.63 -11.42 -12.19
CA GLY A 193 -4.22 -11.33 -10.81
C GLY A 193 -2.82 -10.77 -10.59
N CYS A 194 -2.05 -10.62 -11.66
CA CYS A 194 -0.67 -10.15 -11.51
C CYS A 194 -0.33 -9.05 -12.50
N LEU A 195 -0.40 -9.33 -13.79
CA LEU A 195 0.08 -8.37 -14.78
C LEU A 195 -0.80 -7.13 -14.84
N LEU A 196 -2.12 -7.30 -14.82
CA LEU A 196 -3.01 -6.14 -14.83
C LEU A 196 -2.82 -5.23 -13.61
N PRO A 197 -2.71 -5.74 -12.38
CA PRO A 197 -2.41 -4.83 -11.25
C PRO A 197 -1.06 -4.14 -11.37
N PHE A 198 -0.02 -4.85 -11.83
CA PHE A 198 1.29 -4.23 -11.97
C PHE A 198 1.27 -3.12 -13.02
N PHE A 199 0.49 -3.33 -14.09
CA PHE A 199 0.26 -2.28 -15.09
C PHE A 199 -0.42 -1.06 -14.44
N THR A 200 -1.46 -1.31 -13.64
CA THR A 200 -2.15 -0.22 -12.95
C THR A 200 -1.18 0.55 -12.06
N LEU A 201 -0.34 -0.17 -11.32
CA LEU A 201 0.69 0.48 -10.49
C LEU A 201 1.64 1.32 -11.32
N SER A 202 2.04 0.82 -12.50
CA SER A 202 3.03 1.58 -13.27
C SER A 202 2.43 2.90 -13.75
N ILE A 203 1.18 2.87 -14.21
CA ILE A 203 0.48 4.11 -14.53
C ILE A 203 0.37 5.01 -13.30
N CYS A 204 0.07 4.44 -12.13
CA CYS A 204 -0.04 5.25 -10.92
C CYS A 204 1.29 5.93 -10.59
N TYR A 205 2.39 5.21 -10.74
CA TYR A 205 3.71 5.80 -10.51
C TYR A 205 3.92 7.00 -11.43
N LEU A 206 3.68 6.80 -12.73
CA LEU A 206 3.83 7.90 -13.69
C LEU A 206 3.02 9.12 -13.26
N LEU A 207 1.75 8.89 -12.88
CA LEU A 207 0.86 10.01 -12.58
C LEU A 207 1.28 10.72 -11.29
N ILE A 208 1.69 9.95 -10.29
CA ILE A 208 2.16 10.52 -9.03
C ILE A 208 3.37 11.42 -9.27
N ILE A 209 4.37 10.93 -10.03
CA ILE A 209 5.56 11.73 -10.29
C ILE A 209 5.19 13.02 -11.01
N ARG A 210 4.38 12.90 -12.07
CA ARG A 210 3.99 14.07 -12.85
C ARG A 210 3.33 15.14 -11.97
N VAL A 211 2.29 14.74 -11.24
CA VAL A 211 1.53 15.69 -10.43
C VAL A 211 2.43 16.31 -9.36
N LEU A 212 3.20 15.48 -8.66
CA LEU A 212 4.08 15.97 -7.61
C LEU A 212 5.03 17.04 -8.12
N LEU A 213 5.72 16.75 -9.24
CA LEU A 213 6.69 17.72 -9.75
C LEU A 213 6.00 19.03 -10.13
N LYS A 214 4.84 18.95 -10.77
CA LYS A 214 4.22 20.20 -11.23
C LYS A 214 3.71 21.02 -10.05
N VAL A 215 3.09 20.35 -9.08
CA VAL A 215 2.53 21.07 -7.93
C VAL A 215 3.64 21.71 -7.11
N GLU A 216 4.75 21.00 -6.91
CA GLU A 216 5.79 21.60 -6.08
C GLU A 216 6.49 22.75 -6.81
N ALA A 217 6.59 22.70 -8.14
CA ALA A 217 7.09 23.86 -8.88
C ALA A 217 6.19 25.08 -8.64
N ASP A 218 4.87 24.87 -8.75
CA ASP A 218 3.92 25.95 -8.49
C ASP A 218 4.07 26.50 -7.06
N LEU A 219 4.18 25.60 -6.08
CA LEU A 219 4.30 26.04 -4.69
C LEU A 219 5.56 26.86 -4.47
N GLU A 220 6.66 26.47 -5.11
CA GLU A 220 7.89 27.25 -4.98
C GLU A 220 7.70 28.64 -5.55
N ASP A 221 7.06 28.75 -6.72
CA ASP A 221 6.79 30.06 -7.29
C ASP A 221 5.97 30.92 -6.33
N ASN A 222 4.93 30.33 -5.74
CA ASN A 222 4.06 31.07 -4.81
C ASN A 222 4.85 31.59 -3.61
N TRP A 223 5.64 30.71 -2.98
CA TRP A 223 6.42 31.11 -1.81
C TRP A 223 7.45 32.17 -2.16
N GLU A 224 8.04 32.08 -3.36
CA GLU A 224 9.05 33.04 -3.77
C GLU A 224 8.44 34.43 -3.98
N THR A 225 7.29 34.50 -4.65
CA THR A 225 6.66 35.80 -4.86
C THR A 225 6.19 36.41 -3.53
N LEU A 226 5.71 35.57 -2.60
CA LEU A 226 5.36 36.07 -1.28
C LEU A 226 6.57 36.69 -0.58
N ASN A 227 7.70 35.98 -0.57
CA ASN A 227 8.88 36.54 0.09
C ASN A 227 9.40 37.79 -0.61
N ASP A 228 9.24 37.88 -1.93
CA ASP A 228 9.61 39.12 -2.62
C ASP A 228 8.77 40.29 -2.13
N ASN A 229 7.44 40.12 -2.11
CA ASN A 229 6.56 41.20 -1.67
C ASN A 229 6.84 41.57 -0.20
N LEU A 230 7.09 40.58 0.64
CA LEU A 230 7.35 40.87 2.04
C LEU A 230 8.70 41.56 2.25
N LYS A 231 9.70 41.23 1.43
CA LYS A 231 10.96 41.97 1.50
C LYS A 231 10.78 43.42 1.06
N VAL A 232 9.93 43.64 0.05
CA VAL A 232 9.62 45.00 -0.38
C VAL A 232 8.96 45.78 0.75
N ILE A 233 7.99 45.17 1.42
CA ILE A 233 7.33 45.85 2.54
C ILE A 233 8.31 46.08 3.69
N GLU A 234 9.21 45.14 3.95
CA GLU A 234 10.20 45.32 5.00
C GLU A 234 11.13 46.48 4.71
N LYS A 235 11.60 46.60 3.47
CA LYS A 235 12.52 47.69 3.13
C LYS A 235 11.82 49.04 3.14
N ALA A 236 10.84 49.22 2.26
CA ALA A 236 10.11 50.47 2.17
C ALA A 236 8.69 50.32 2.70
N ALA A 239 5.32 54.95 4.08
CA ALA A 239 4.08 54.19 4.09
C ALA A 239 3.36 54.30 2.76
N ALA A 240 3.81 55.25 1.93
CA ALA A 240 3.17 55.47 0.64
C ALA A 240 3.24 54.22 -0.24
N GLN A 241 4.40 53.55 -0.28
CA GLN A 241 4.55 52.35 -1.10
C GLN A 241 4.01 51.11 -0.41
N VAL A 242 3.84 51.16 0.91
CA VAL A 242 3.27 50.01 1.62
C VAL A 242 1.83 49.77 1.17
N LYS A 243 1.03 50.84 1.11
CA LYS A 243 -0.33 50.73 0.62
C LYS A 243 -0.37 50.22 -0.83
N ASP A 244 0.56 50.70 -1.66
CA ASP A 244 0.58 50.25 -3.06
C ASP A 244 0.85 48.76 -3.14
N ALA A 245 1.86 48.28 -2.41
CA ALA A 245 2.16 46.86 -2.42
C ALA A 245 1.00 46.03 -1.88
N LEU A 246 0.35 46.51 -0.81
CA LEU A 246 -0.77 45.75 -0.24
C LEU A 246 -1.97 45.71 -1.18
N THR A 247 -2.22 46.80 -1.91
CA THR A 247 -3.33 46.79 -2.86
C THR A 247 -3.03 45.89 -4.05
N LYS A 248 -1.78 45.87 -4.51
CA LYS A 248 -1.40 44.94 -5.57
C LYS A 248 -1.58 43.50 -5.12
N MET A 249 -1.16 43.19 -3.89
CA MET A 249 -1.31 41.84 -3.37
C MET A 249 -2.78 41.46 -3.19
N ARG A 250 -3.61 42.41 -2.76
CA ARG A 250 -5.05 42.15 -2.61
C ARG A 250 -5.70 41.88 -3.96
N ALA A 251 -5.33 42.65 -4.99
CA ALA A 251 -5.87 42.39 -6.31
C ALA A 251 -5.44 41.02 -6.83
N ALA A 252 -4.15 40.69 -6.65
CA ALA A 252 -3.67 39.38 -7.06
C ALA A 252 -4.40 38.26 -6.34
N ALA A 253 -4.68 38.44 -5.05
CA ALA A 253 -5.39 37.40 -4.29
C ALA A 253 -6.84 37.26 -4.75
N LEU A 254 -7.51 38.38 -5.03
CA LEU A 254 -8.88 38.29 -5.53
C LEU A 254 -8.92 37.58 -6.88
N ASP A 255 -7.96 37.86 -7.76
CA ASP A 255 -7.94 37.16 -9.03
C ASP A 255 -7.58 35.68 -8.85
N ALA A 256 -6.97 35.32 -7.72
CA ALA A 256 -6.65 33.92 -7.48
C ALA A 256 -7.89 33.10 -7.13
N GLN A 257 -8.96 33.76 -6.69
CA GLN A 257 -10.18 33.06 -6.29
C GLN A 257 -10.91 32.48 -7.50
N MET A 274 -11.33 26.46 -1.79
CA MET A 274 -10.87 26.96 -0.51
C MET A 274 -11.30 28.40 -0.30
N LYS A 275 -12.60 28.63 -0.24
CA LYS A 275 -13.12 29.98 -0.07
C LYS A 275 -12.72 30.56 1.28
N ASP A 276 -12.79 29.75 2.33
CA ASP A 276 -12.42 30.24 3.66
C ASP A 276 -10.94 30.57 3.75
N PHE A 277 -10.09 29.79 3.07
CA PHE A 277 -8.66 30.08 3.09
C PHE A 277 -8.36 31.40 2.39
N ARG A 278 -8.94 31.61 1.21
CA ARG A 278 -8.77 32.87 0.51
C ARG A 278 -9.32 34.04 1.33
N HIS A 279 -10.45 33.84 2.00
CA HIS A 279 -11.01 34.90 2.83
C HIS A 279 -10.10 35.21 4.01
N GLY A 280 -9.48 34.20 4.60
CA GLY A 280 -8.55 34.45 5.70
C GLY A 280 -7.33 35.21 5.24
N PHE A 281 -6.77 34.82 4.10
CA PHE A 281 -5.63 35.52 3.54
C PHE A 281 -5.98 36.97 3.20
N ASP A 282 -7.15 37.17 2.59
CA ASP A 282 -7.59 38.51 2.25
C ASP A 282 -7.87 39.34 3.50
N ILE A 283 -8.31 38.71 4.58
CA ILE A 283 -8.55 39.45 5.82
C ILE A 283 -7.23 39.86 6.46
N LEU A 284 -6.22 38.99 6.40
CA LEU A 284 -4.86 39.40 6.74
C LEU A 284 -4.41 40.61 5.94
N VAL A 285 -4.62 40.57 4.63
CA VAL A 285 -4.22 41.68 3.76
C VAL A 285 -4.98 42.95 4.13
N GLY A 286 -6.28 42.84 4.38
CA GLY A 286 -7.08 44.00 4.71
C GLY A 286 -6.71 44.60 6.05
N GLN A 287 -6.39 43.74 7.03
CA GLN A 287 -5.93 44.24 8.33
C GLN A 287 -4.61 44.97 8.18
N ILE A 288 -3.69 44.43 7.38
CA ILE A 288 -2.42 45.11 7.16
C ILE A 288 -2.64 46.44 6.45
N ASP A 289 -3.55 46.46 5.47
CA ASP A 289 -3.77 47.68 4.70
C ASP A 289 -4.49 48.74 5.52
N ASP A 290 -5.29 48.32 6.50
CA ASP A 290 -5.88 49.27 7.44
C ASP A 290 -4.82 49.82 8.39
N ALA A 291 -4.01 48.93 8.98
CA ALA A 291 -2.94 49.37 9.86
C ALA A 291 -1.94 50.28 9.13
N LEU A 292 -1.84 50.15 7.81
CA LEU A 292 -1.03 51.09 7.03
C LEU A 292 -1.76 52.41 6.81
N LYS A 293 -2.94 52.36 6.19
CA LYS A 293 -3.67 53.58 5.87
C LYS A 293 -4.03 54.41 7.09
N LEU A 294 -4.06 53.80 8.28
CA LEU A 294 -4.26 54.55 9.51
C LEU A 294 -3.13 55.54 9.74
N VAL A 300 3.25 52.36 10.52
CA VAL A 300 4.35 51.66 9.87
C VAL A 300 4.87 50.53 10.74
N LYS A 301 4.72 50.66 12.06
CA LYS A 301 5.13 49.59 12.96
C LYS A 301 4.13 48.43 12.93
N GLU A 302 2.85 48.74 13.11
CA GLU A 302 1.83 47.70 13.22
C GLU A 302 1.65 46.94 11.90
N ALA A 303 1.63 47.64 10.78
CA ALA A 303 1.39 47.01 9.48
C ALA A 303 2.56 46.11 9.05
N GLN A 304 3.79 46.61 9.18
CA GLN A 304 4.94 45.78 8.80
C GLN A 304 5.01 44.52 9.66
N ALA A 305 4.64 44.63 10.94
CA ALA A 305 4.60 43.46 11.81
C ALA A 305 3.51 42.48 11.38
N ALA A 306 2.30 43.01 11.11
CA ALA A 306 1.20 42.17 10.65
C ALA A 306 1.53 41.48 9.32
N ALA A 307 2.43 42.06 8.54
CA ALA A 307 2.79 41.45 7.25
C ALA A 307 3.40 40.06 7.42
N GLU A 308 4.09 39.82 8.53
CA GLU A 308 4.73 38.52 8.74
C GLU A 308 3.73 37.41 8.98
N GLN A 309 2.53 37.72 9.47
CA GLN A 309 1.56 36.67 9.81
C GLN A 309 1.14 35.86 8.59
N LEU A 310 1.21 36.44 7.39
CA LEU A 310 0.93 35.69 6.17
C LEU A 310 1.90 34.54 5.96
N LYS A 311 3.12 34.68 6.48
CA LYS A 311 4.18 33.71 6.20
C LYS A 311 3.89 32.34 6.82
N THR A 312 3.43 32.33 8.06
CA THR A 312 3.17 31.06 8.74
C THR A 312 1.95 30.35 8.15
N THR A 313 0.90 31.10 7.82
CA THR A 313 -0.25 30.50 7.16
C THR A 313 0.10 29.95 5.79
N ARG A 314 0.96 30.65 5.04
CA ARG A 314 1.38 30.13 3.76
C ARG A 314 2.26 28.90 3.90
N ASN A 315 3.09 28.85 4.94
CA ASN A 315 3.90 27.65 5.17
C ASN A 315 3.02 26.45 5.50
N ALA A 316 1.96 26.66 6.28
CA ALA A 316 1.03 25.55 6.57
C ALA A 316 0.30 25.08 5.31
N TYR A 317 -0.16 26.04 4.50
CA TYR A 317 -0.79 25.71 3.22
C TYR A 317 0.14 24.86 2.35
N ILE A 318 1.42 25.21 2.29
CA ILE A 318 2.39 24.43 1.52
C ILE A 318 2.55 23.03 2.13
N GLN A 319 2.70 22.96 3.45
CA GLN A 319 2.96 21.69 4.12
C GLN A 319 1.84 20.68 3.89
N LYS A 320 0.60 21.12 3.76
CA LYS A 320 -0.48 20.16 3.54
C LYS A 320 -0.26 19.35 2.25
N TYR A 321 -0.02 20.07 1.14
CA TYR A 321 0.33 19.43 -0.11
C TYR A 321 1.56 18.55 0.02
N LEU A 322 2.61 19.07 0.67
CA LEU A 322 3.85 18.31 0.74
C LEU A 322 3.65 16.97 1.47
N VAL A 323 2.85 16.98 2.54
CA VAL A 323 2.55 15.74 3.26
C VAL A 323 1.82 14.76 2.36
N SER A 324 0.81 15.25 1.62
CA SER A 324 0.09 14.33 0.73
C SER A 324 1.03 13.73 -0.30
N HIS A 325 1.98 14.52 -0.79
CA HIS A 325 2.84 13.96 -1.82
C HIS A 325 3.83 12.95 -1.24
N ARG A 326 4.41 13.27 -0.07
CA ARG A 326 5.26 12.30 0.61
C ARG A 326 4.56 10.96 0.75
N LYS A 327 3.33 10.98 1.27
CA LYS A 327 2.61 9.73 1.50
C LYS A 327 2.41 8.94 0.21
N ALA A 328 1.94 9.61 -0.85
CA ALA A 328 1.70 8.89 -2.10
C ALA A 328 2.98 8.29 -2.67
N LEU A 329 4.08 9.05 -2.64
CA LEU A 329 5.31 8.56 -3.25
C LEU A 329 5.89 7.40 -2.46
N THR A 330 5.88 7.50 -1.12
CA THR A 330 6.36 6.38 -0.31
C THR A 330 5.55 5.12 -0.58
N THR A 331 4.22 5.25 -0.58
CA THR A 331 3.37 4.10 -0.84
C THR A 331 3.73 3.44 -2.17
N ILE A 332 3.82 4.24 -3.23
CA ILE A 332 4.00 3.64 -4.55
C ILE A 332 5.38 2.98 -4.65
N ILE A 333 6.41 3.57 -4.04
CA ILE A 333 7.74 2.99 -4.14
C ILE A 333 7.82 1.66 -3.39
N ILE A 334 7.31 1.64 -2.15
CA ILE A 334 7.29 0.38 -1.39
C ILE A 334 6.49 -0.68 -2.14
N THR A 335 5.38 -0.29 -2.76
CA THR A 335 4.54 -1.29 -3.42
C THR A 335 5.22 -1.85 -4.67
N LEU A 336 5.85 -0.99 -5.47
CA LEU A 336 6.60 -1.49 -6.61
C LEU A 336 7.73 -2.42 -6.20
N ILE A 337 8.42 -2.11 -5.08
CA ILE A 337 9.48 -3.01 -4.64
C ILE A 337 8.91 -4.36 -4.22
N ILE A 338 7.78 -4.34 -3.49
CA ILE A 338 7.11 -5.58 -3.12
C ILE A 338 6.78 -6.41 -4.35
N PHE A 339 6.21 -5.78 -5.37
CA PHE A 339 5.90 -6.50 -6.61
C PHE A 339 7.15 -7.07 -7.27
N PHE A 340 8.24 -6.30 -7.35
CA PHE A 340 9.44 -6.86 -8.00
C PHE A 340 10.04 -8.01 -7.22
N LEU A 341 9.90 -8.00 -5.90
CA LEU A 341 10.56 -9.03 -5.11
C LEU A 341 9.69 -10.28 -4.95
N CYS A 342 8.40 -10.11 -4.68
CA CYS A 342 7.53 -11.17 -4.19
C CYS A 342 6.69 -11.84 -5.26
N PHE A 343 6.24 -11.12 -6.29
CA PHE A 343 5.15 -11.62 -7.12
C PHE A 343 5.54 -11.92 -8.57
N LEU A 344 6.27 -11.03 -9.24
CA LEU A 344 6.57 -11.25 -10.66
C LEU A 344 7.54 -12.41 -10.88
N PRO A 345 8.63 -12.52 -10.12
CA PRO A 345 9.50 -13.70 -10.31
C PRO A 345 8.76 -15.00 -10.07
N TYR A 346 7.96 -15.03 -9.00
CA TYR A 346 7.15 -16.21 -8.71
C TYR A 346 6.23 -16.58 -9.87
N HIS A 347 5.48 -15.62 -10.40
CA HIS A 347 4.56 -15.95 -11.49
C HIS A 347 5.30 -16.34 -12.76
N THR A 348 6.46 -15.72 -13.03
CA THR A 348 7.23 -16.08 -14.21
C THR A 348 7.69 -17.54 -14.11
N LEU A 349 8.39 -17.86 -13.02
CA LEU A 349 8.91 -19.22 -12.86
C LEU A 349 7.78 -20.23 -12.79
N ARG A 350 6.67 -19.87 -12.12
CA ARG A 350 5.51 -20.76 -12.06
C ARG A 350 5.02 -21.09 -13.46
N THR A 351 4.87 -20.08 -14.30
CA THR A 351 4.34 -20.29 -15.64
C THR A 351 5.26 -21.20 -16.45
N VAL A 352 6.57 -20.94 -16.38
CA VAL A 352 7.49 -21.76 -17.17
C VAL A 352 7.55 -23.19 -16.61
N HIS A 353 7.45 -23.33 -15.30
CA HIS A 353 7.44 -24.66 -14.69
C HIS A 353 6.24 -25.46 -15.20
N LEU A 354 5.06 -24.83 -15.21
CA LEU A 354 3.87 -25.51 -15.71
C LEU A 354 3.99 -25.85 -17.18
N THR A 355 4.52 -24.94 -17.99
CA THR A 355 4.53 -25.15 -19.43
C THR A 355 5.46 -26.30 -19.84
N THR A 356 6.54 -26.52 -19.11
CA THR A 356 7.54 -27.51 -19.49
C THR A 356 7.43 -28.80 -18.69
N TRP A 357 6.42 -28.92 -17.83
CA TRP A 357 6.36 -30.03 -16.90
C TRP A 357 6.18 -31.36 -17.64
N LYS A 358 6.89 -32.38 -17.20
CA LYS A 358 6.77 -33.72 -17.77
C LYS A 358 6.85 -34.74 -16.64
N VAL A 359 6.23 -35.90 -16.85
CA VAL A 359 5.94 -36.80 -15.74
C VAL A 359 7.21 -37.36 -15.14
N GLY A 360 8.13 -37.83 -15.98
CA GLY A 360 9.31 -38.52 -15.49
C GLY A 360 10.60 -37.73 -15.51
N LEU A 361 10.52 -36.41 -15.32
CA LEU A 361 11.70 -35.55 -15.39
C LEU A 361 11.71 -34.59 -14.20
N CYS A 362 12.89 -34.43 -13.60
CA CYS A 362 13.02 -33.68 -12.34
C CYS A 362 13.05 -32.17 -12.57
N LYS A 363 13.85 -31.69 -13.53
CA LYS A 363 14.10 -30.27 -13.73
C LYS A 363 14.45 -29.56 -12.43
N ASP A 364 15.42 -30.13 -11.69
CA ASP A 364 15.70 -29.69 -10.33
C ASP A 364 16.12 -28.22 -10.24
N ARG A 365 16.79 -27.69 -11.27
CA ARG A 365 17.29 -26.31 -11.15
C ARG A 365 16.17 -25.28 -11.29
N LEU A 366 15.37 -25.40 -12.35
CA LEU A 366 14.18 -24.57 -12.49
C LEU A 366 13.25 -24.72 -11.29
N HIS A 367 13.10 -25.96 -10.81
CA HIS A 367 12.18 -26.23 -9.72
C HIS A 367 12.68 -25.57 -8.43
N LYS A 368 13.99 -25.60 -8.20
CA LYS A 368 14.58 -24.94 -7.05
C LYS A 368 14.34 -23.44 -7.11
N ALA A 369 14.55 -22.83 -8.28
CA ALA A 369 14.26 -21.41 -8.43
C ALA A 369 12.80 -21.11 -8.10
N LEU A 370 11.90 -21.99 -8.54
CA LEU A 370 10.48 -21.81 -8.22
C LEU A 370 10.23 -21.87 -6.73
N VAL A 371 10.79 -22.87 -6.05
CA VAL A 371 10.67 -22.99 -4.60
C VAL A 371 11.10 -21.69 -3.91
N ILE A 372 12.21 -21.10 -4.35
CA ILE A 372 12.69 -19.88 -3.71
C ILE A 372 11.73 -18.73 -3.95
N THR A 373 11.21 -18.58 -5.17
CA THR A 373 10.33 -17.43 -5.39
C THR A 373 8.96 -17.63 -4.78
N LEU A 374 8.57 -18.88 -4.55
CA LEU A 374 7.37 -19.16 -3.76
C LEU A 374 7.56 -18.73 -2.31
N ALA A 375 8.74 -19.02 -1.75
CA ALA A 375 9.08 -18.50 -0.42
C ALA A 375 8.91 -16.98 -0.37
N LEU A 376 9.49 -16.27 -1.35
CA LEU A 376 9.37 -14.80 -1.36
C LEU A 376 7.92 -14.34 -1.41
N ALA A 377 7.12 -14.96 -2.28
CA ALA A 377 5.70 -14.64 -2.35
C ALA A 377 5.04 -14.82 -1.00
N ALA A 378 5.36 -15.92 -0.31
CA ALA A 378 4.80 -16.11 1.03
C ALA A 378 5.26 -15.00 1.97
N ALA A 379 6.54 -14.61 1.88
CA ALA A 379 7.13 -13.65 2.82
C ALA A 379 6.52 -12.27 2.71
N ASN A 380 5.75 -12.02 1.64
CA ASN A 380 5.09 -10.73 1.53
C ASN A 380 4.21 -10.45 2.76
N ALA A 381 3.64 -11.51 3.35
CA ALA A 381 2.70 -11.38 4.44
C ALA A 381 3.34 -10.83 5.72
N CYS A 382 4.65 -11.00 5.88
CA CYS A 382 5.35 -10.34 6.98
C CYS A 382 6.08 -9.09 6.51
N PHE A 383 6.18 -8.86 5.20
CA PHE A 383 6.79 -7.61 4.74
C PHE A 383 5.82 -6.43 4.84
N ASN A 384 4.53 -6.67 4.62
CA ASN A 384 3.61 -5.53 4.46
C ASN A 384 3.52 -4.52 5.62
N PRO A 385 3.79 -4.85 6.90
CA PRO A 385 3.67 -3.80 7.94
C PRO A 385 4.66 -2.65 7.81
N LEU A 386 5.75 -2.81 7.07
CA LEU A 386 6.58 -1.68 6.69
C LEU A 386 5.74 -0.57 6.09
N LEU A 387 4.75 -0.94 5.28
CA LEU A 387 3.90 0.05 4.63
C LEU A 387 3.02 0.75 5.67
N TYR A 388 2.56 0.01 6.67
CA TYR A 388 1.73 0.61 7.71
C TYR A 388 2.55 1.64 8.48
N TYR A 389 3.82 1.34 8.72
CA TYR A 389 4.63 2.21 9.55
C TYR A 389 5.08 3.46 8.79
N PHE A 390 5.55 3.29 7.56
CA PHE A 390 6.12 4.41 6.82
C PHE A 390 5.10 5.18 5.99
N ALA A 391 3.91 4.63 5.75
CA ALA A 391 2.91 5.36 4.97
C ALA A 391 1.51 5.26 5.59
N GLY A 392 1.42 4.98 6.88
CA GLY A 392 0.14 4.84 7.54
C GLY A 392 -0.61 6.15 7.67
N GLU A 393 -1.85 6.02 8.16
CA GLU A 393 -2.77 7.14 8.32
C GLU A 393 -3.12 7.26 9.79
N ASN A 394 -2.42 8.14 10.51
CA ASN A 394 -2.55 8.28 11.95
C ASN A 394 -2.10 7.01 12.66
N PHE A 395 -1.25 6.23 11.99
CA PHE A 395 -0.74 5.00 12.59
C PHE A 395 0.18 5.32 13.76
N LYS A 396 1.20 6.15 13.53
CA LYS A 396 2.05 6.60 14.62
C LYS A 396 1.26 7.33 15.71
N ASP A 397 0.24 8.09 15.31
CA ASP A 397 -0.61 8.75 16.32
C ASP A 397 -1.30 7.73 17.22
N ARG A 398 -1.95 6.73 16.62
CA ARG A 398 -2.57 5.66 17.42
C ARG A 398 -1.54 4.93 18.25
N LEU A 399 -0.34 4.72 17.71
CA LEU A 399 0.70 4.02 18.45
C LEU A 399 1.14 4.81 19.68
N LYS A 400 1.37 6.11 19.51
CA LYS A 400 1.69 6.95 20.66
C LYS A 400 0.56 6.96 21.68
N SER A 401 -0.69 6.93 21.22
CA SER A 401 -1.82 6.85 22.14
C SER A 401 -1.77 5.56 22.94
N ALA A 402 -1.51 4.44 22.26
CA ALA A 402 -1.38 3.16 22.95
C ALA A 402 -0.24 3.20 23.95
N LEU A 403 0.89 3.82 23.58
CA LEU A 403 2.01 3.94 24.51
C LEU A 403 1.63 4.73 25.76
N ARG A 404 0.77 5.73 25.61
CA ARG A 404 0.30 6.48 26.78
C ARG A 404 -0.49 5.57 27.72
C4 KO5 B . 4.37 -26.93 -6.61
C14 KO5 B . -1.76 -21.99 -9.88
C5 KO5 B . 5.34 -25.88 -6.08
C6 KO5 B . 6.72 -26.43 -5.84
C11 KO5 B . 2.16 -24.08 -10.19
C7 KO5 B . 6.78 -27.55 -4.81
C8 KO5 B . 2.73 -25.66 -7.98
C9 KO5 B . 3.67 -25.47 -8.98
C10 KO5 B . 3.37 -24.69 -10.08
C12 KO5 B . 1.21 -24.23 -9.20
C13 KO5 B . -0.50 -22.72 -10.22
N1 KO5 B . 3.01 -26.42 -6.86
N2 KO5 B . -0.05 -23.60 -9.30
C3 KO5 B . 1.98 -26.67 -5.85
C1 KO5 B . 0.59 -26.40 -6.39
C15 KO5 B . -2.45 -22.22 -8.70
C16 KO5 B . -3.61 -21.53 -8.40
C17 KO5 B . -4.09 -20.58 -9.29
C18 KO5 B . -5.85 -20.07 -7.75
C19 KO5 B . -7.14 -19.27 -7.76
C2 KO5 B . -0.48 -26.42 -5.31
C20 KO5 B . -6.94 -17.85 -8.20
C21 KO5 B . -8.22 -17.06 -8.43
C22 KO5 B . -7.99 -15.80 -9.24
C23 KO5 B . -7.69 -14.60 -8.60
C24 KO5 B . -7.47 -13.48 -9.36
C25 KO5 B . -7.51 -13.49 -10.73
C26 KO5 B . -7.81 -14.67 -11.37
C27 KO5 B . -8.05 -15.84 -10.65
C28 KO5 B . -3.41 -20.34 -10.48
C29 KO5 B . -2.25 -21.03 -10.76
C30 KO5 B . 1.49 -25.02 -8.08
C31 KO5 B . -8.35 -17.12 -11.40
F1 KO5 B . -7.19 -12.32 -8.73
O1 KO5 B . -0.94 -27.47 -4.95
O2 KO5 B . -0.86 -25.38 -4.83
O3 KO5 B . 7.23 -28.66 -5.18
O4 KO5 B . 6.37 -27.31 -3.67
O5 KO5 B . 0.09 -22.47 -11.27
O6 KO5 B . -5.24 -19.88 -9.02
O7 KO5 B . 0.53 -25.16 -7.11
C1 CLR C . 6.40 12.21 -19.21
C2 CLR C . 6.23 13.70 -19.51
C3 CLR C . 5.64 14.40 -18.31
C4 CLR C . 6.66 14.33 -17.18
C5 CLR C . 7.00 12.89 -16.91
C6 CLR C . 6.99 12.47 -15.63
C7 CLR C . 7.19 11.03 -15.20
C8 CLR C . 7.91 10.24 -16.28
C9 CLR C . 7.26 10.50 -17.64
C10 CLR C . 7.36 11.98 -18.05
C11 CLR C . 7.86 9.61 -18.72
C12 CLR C . 7.82 8.14 -18.34
C13 CLR C . 8.52 7.91 -17.01
C14 CLR C . 7.80 8.76 -15.99
C15 CLR C . 8.33 8.27 -14.64
C16 CLR C . 8.54 6.78 -14.88
C17 CLR C . 8.40 6.52 -16.39
C18 CLR C . 9.99 8.35 -17.07
C19 CLR C . 8.79 12.29 -18.48
C20 CLR C . 9.29 5.35 -16.85
C21 CLR C . 9.56 5.24 -18.35
C22 CLR C . 8.63 4.04 -16.44
C23 CLR C . 9.23 3.39 -15.21
C24 CLR C . 8.12 2.80 -14.35
C25 CLR C . 8.36 1.33 -14.03
C26 CLR C . 7.19 0.73 -13.27
C27 CLR C . 8.66 0.52 -15.29
O1 CLR C . 5.36 15.78 -18.64
C12 1PE D . 10.22 19.49 -0.50
C22 1PE D . 10.12 20.48 -1.65
OH3 1PE D . 8.91 21.22 -1.55
C13 1PE D . 7.71 23.25 -1.96
C23 1PE D . 8.88 22.38 -2.38
OH4 1PE D . 8.15 24.58 -1.72
C14 1PE D . 8.19 25.77 0.41
C24 1PE D . 8.79 24.67 -0.46
OH5 1PE D . 9.09 26.01 1.49
C15 1PE D . 9.48 26.26 3.84
C25 1PE D . 8.43 26.07 2.75
OH6 1PE D . 10.39 25.17 3.84
C26 1PE D . 11.59 25.47 4.55
C24 OLC E . 18.75 -27.71 2.15
C6 OLC E . 16.49 -17.79 4.67
C5 OLC E . 17.66 -18.77 4.59
C4 OLC E . 17.15 -20.20 4.53
C3 OLC E . 18.14 -21.04 3.73
C2 OLC E . 17.77 -22.52 3.80
C21 OLC E . 19.34 -25.31 1.83
C1 OLC E . 18.71 -23.32 2.89
C22 OLC E . 19.88 -26.69 2.18
O19 OLC E . 19.44 -22.74 2.16
O25 OLC E . 19.23 -28.94 2.63
O23 OLC E . 20.83 -27.07 1.24
O20 OLC E . 18.72 -24.73 2.94
C24 OLC F . 20.46 -23.41 -1.32
C7 OLC F . 12.57 -15.95 1.72
C6 OLC F . 14.00 -15.62 1.28
C5 OLC F . 14.56 -16.76 0.44
C4 OLC F . 16.06 -16.87 0.67
C3 OLC F . 16.75 -17.17 -0.66
C2 OLC F . 18.16 -17.70 -0.40
C21 OLC F . 19.36 -21.17 -1.27
C1 OLC F . 18.21 -19.21 -0.67
C22 OLC F . 20.60 -21.95 -0.87
O19 OLC F . 17.20 -19.82 -0.79
O25 OLC F . 21.33 -23.66 -2.38
O23 OLC F . 21.73 -21.39 -1.46
O20 OLC F . 19.44 -19.87 -0.77
C10 OLC G . 3.30 -22.30 17.46
C9 OLC G . 4.37 -22.71 16.81
C8 OLC G . 4.64 -24.21 16.68
C24 OLC G . 9.25 -34.63 13.10
C7 OLC G . 5.39 -24.47 15.37
C6 OLC G . 5.68 -25.97 15.25
C5 OLC G . 5.30 -26.44 13.86
C4 OLC G . 6.27 -27.52 13.39
C3 OLC G . 5.75 -28.89 13.81
C2 OLC G . 6.90 -29.70 14.43
C21 OLC G . 7.87 -32.60 13.60
C1 OLC G . 6.42 -31.12 14.70
C22 OLC G . 7.83 -34.05 13.10
O19 OLC G . 5.94 -31.40 15.74
O25 OLC G . 9.19 -36.01 12.90
O23 OLC G . 7.03 -34.81 13.95
O20 OLC G . 6.58 -32.12 13.72
C10 OLC H . 8.23 -5.43 10.51
C9 OLC H . 7.68 -5.35 11.70
C11 OLC H . 8.96 -6.70 10.06
C8 OLC H . 7.75 -6.53 12.67
C12 OLC H . 9.10 -6.70 8.55
C7 OLC H . 7.91 -6.01 14.10
C13 OLC H . 10.56 -6.38 8.18
C14 OLC H . 11.09 -7.50 7.28
C10 OLC I . -4.68 4.72 -12.40
C9 OLC I . -5.07 5.75 -11.68
C11 OLC I . -5.63 4.05 -13.40
C8 OLC I . -6.49 6.32 -11.85
C12 OLC I . -4.84 3.04 -14.23
C15 OLC I . -5.77 0.59 -16.96
C13 OLC I . -5.70 2.50 -15.37
C14 OLC I . -5.43 1.01 -15.54
C10 OLC J . 2.59 -4.41 -17.50
C9 OLC J . 2.19 -5.52 -18.13
C11 OLC J . 3.66 -3.53 -18.13
C8 OLC J . 2.82 -5.90 -19.46
C24 OLC J . 1.90 -16.81 -24.93
C12 OLC J . 4.25 -2.61 -17.05
C7 OLC J . 3.00 -7.42 -19.51
C15 OLC J . 3.81 0.77 -18.14
C13 OLC J . 4.93 -1.43 -17.72
C6 OLC J . 3.28 -7.86 -20.94
C14 OLC J . 3.93 -0.68 -18.60
C5 OLC J . 3.58 -9.36 -20.97
C4 OLC J . 3.46 -9.88 -22.40
C3 OLC J . 3.95 -11.32 -22.45
C2 OLC J . 3.30 -12.04 -23.63
C21 OLC J . 4.05 -15.64 -24.47
C1 OLC J . 4.01 -13.37 -23.87
C22 OLC J . 3.34 -16.61 -25.40
O19 OLC J . 5.18 -13.46 -23.66
O25 OLC J . 1.54 -18.15 -25.07
O23 OLC J . 3.34 -16.09 -26.70
O20 OLC J . 3.29 -14.47 -24.35
C9 OLC K . 1.23 -10.50 18.81
C8 OLC K . 1.06 -9.09 19.36
C7 OLC K . -0.35 -8.93 19.91
C6 OLC K . -0.43 -7.65 20.73
C5 OLC K . -1.80 -7.56 21.42
C4 OLC K . -1.73 -6.56 22.56
C10 OLC L . -0.24 -25.12 16.20
C9 OLC L . 0.24 -26.34 16.05
C11 OLC L . -0.50 -24.22 15.00
C8 OLC L . 0.53 -26.90 14.66
C12 OLC L . -1.60 -23.22 15.35
C7 OLC L . 1.76 -27.80 14.74
C13 OLC L . -1.19 -21.82 14.93
C6 OLC L . 1.36 -29.26 14.59
C5 OLC L . 2.27 -30.12 15.46
C4 OLC L . 1.86 -31.59 15.34
C10 OLC M . 13.43 1.46 0.00
C9 OLC M . 13.12 2.59 -0.61
C8 OLC M . 11.96 3.44 -0.12
C24 OLC M . 8.24 15.51 -0.99
C7 OLC M . 12.10 4.85 -0.70
C6 OLC M . 10.96 5.74 -0.20
C5 OLC M . 11.12 7.13 -0.82
C4 OLC M . 10.21 8.14 -0.12
C3 OLC M . 10.50 9.52 -0.68
C2 OLC M . 9.31 10.43 -0.41
C21 OLC M . 9.33 13.53 -2.03
C1 OLC M . 9.77 11.90 -0.41
C22 OLC M . 8.46 14.76 -2.29
O19 OLC M . 10.85 12.18 -0.02
O25 OLC M . 7.00 16.16 -1.03
O23 OLC M . 9.11 15.59 -3.22
O20 OLC M . 8.90 12.91 -0.86
C10 OLC N . 11.94 7.27 -7.44
C9 OLC N . 11.44 8.45 -7.10
C11 OLC N . 13.08 6.68 -6.61
C8 OLC N . 11.99 9.19 -5.88
C12 OLC N . 12.99 5.16 -6.65
C15 OLC N . 14.72 2.52 -4.48
C13 OLC N . 13.87 4.59 -5.54
C14 OLC N . 13.74 3.07 -5.51
C18 OLC O . -10.32 -12.96 -13.35
C10 OLC O . -12.46 -6.14 -8.44
C9 OLC O . -12.65 -4.83 -8.43
C17 OLC O . -10.50 -12.71 -11.86
C11 OLC O . -11.06 -6.72 -8.23
C8 OLC O . -11.48 -3.88 -8.21
C16 OLC O . -10.93 -11.28 -11.55
C12 OLC O . -10.80 -7.82 -9.26
C15 OLC O . -11.24 -11.17 -10.06
C13 OLC O . -11.00 -9.18 -8.60
C14 OLC O . -10.23 -10.23 -9.40
C24 OLC P . -8.75 -35.19 10.39
C3 OLC P . -6.61 -29.90 11.57
C2 OLC P . -7.72 -30.85 12.01
C21 OLC P . -6.85 -34.46 11.85
C1 OLC P . -7.11 -32.20 12.40
C22 OLC P . -7.59 -35.67 11.28
O19 OLC P . -6.12 -32.23 13.04
O25 OLC P . -9.92 -35.88 10.74
O23 OLC P . -6.71 -36.43 10.52
O20 OLC P . -7.74 -33.39 12.01
C10 OLC Q . 17.48 7.87 -9.16
C9 OLC Q . 17.79 9.15 -9.10
C11 OLC Q . 16.21 7.34 -8.51
C8 OLC Q . 16.87 10.12 -8.37
C12 OLC Q . 15.86 5.97 -9.08
C7 OLC Q . 17.71 11.17 -7.64
C15 OLC Q . 17.95 2.78 -9.55
C13 OLC Q . 17.11 5.10 -9.15
C6 OLC Q . 16.95 12.48 -7.58
C14 OLC Q . 16.70 3.65 -9.45
C5 OLC Q . 17.73 13.48 -6.75
C4 OLC Q . 16.76 14.53 -6.19
C3 OLC Q . 17.49 15.43 -5.20
C2 OLC Q . 16.49 16.40 -4.56
C1 OLA R . 0.81 -19.88 -20.75
O1 OLA R . 0.14 -20.58 -19.98
O2 OLA R . 1.18 -20.28 -21.89
C2 OLA R . 1.23 -18.50 -20.31
C3 OLA R . 0.88 -17.46 -21.38
C4 OLA R . 0.36 -16.18 -20.73
C5 OLA R . 1.08 -14.96 -21.29
C6 OLA R . 0.21 -14.20 -22.28
C7 OLA R . -0.58 -13.11 -21.57
C8 OLA R . -0.01 -11.72 -21.87
C9 OLA R . -0.94 -10.99 -22.82
C10 OLA R . -1.58 -9.90 -22.40
C11 OLA R . -1.39 -9.37 -21.00
C12 OLA R . -1.77 -7.89 -20.97
C13 OLA R . -1.23 -7.21 -19.71
C14 OLA R . -2.32 -6.97 -18.68
C1 OLA S . -6.05 11.06 -14.70
O1 OLA S . -6.57 10.56 -13.68
O2 OLA S . -6.10 12.28 -14.96
C2 OLA S . -5.33 10.14 -15.66
C3 OLA S . -6.08 8.81 -15.71
C4 OLA S . -6.17 8.28 -17.14
C5 OLA S . -5.12 7.21 -17.44
C6 OLA S . -5.77 6.01 -18.09
C7 OLA S . -4.76 5.10 -18.79
C8 OLA S . -5.47 4.14 -19.73
C9 OLA S . -4.45 3.36 -20.52
C10 OLA S . -4.67 2.09 -20.88
C11 OLA S . -5.97 1.41 -20.52
C12 OLA S . -6.05 0.06 -21.23
C13 OLA S . -5.06 -0.90 -20.60
C14 OLA S . -5.35 -2.36 -20.98
C15 OLA S . -5.00 -3.29 -19.83
C2 OLA T . -2.96 14.09 -18.30
C3 OLA T . -1.92 12.98 -18.23
C4 OLA T . -2.54 11.62 -18.50
C5 OLA T . -1.63 10.79 -19.40
C6 OLA T . -1.58 9.34 -18.95
C7 OLA T . -1.04 8.45 -20.07
C8 OLA T . -0.95 7.00 -19.63
C9 OLA T . -0.63 6.14 -20.84
C10 OLA T . 0.53 5.50 -20.91
C1 OLA U . 11.39 18.21 -6.26
O1 OLA U . 10.19 18.03 -6.53
O2 OLA U . 11.87 19.33 -5.98
C2 OLA U . 12.32 17.01 -6.28
C3 OLA U . 11.45 15.75 -6.26
C4 OLA U . 12.11 14.60 -7.01
C5 OLA U . 11.17 13.39 -7.02
C6 OLA U . 11.80 12.18 -7.70
C7 OLA U . 11.74 12.28 -9.22
C8 OLA U . 11.82 10.90 -9.88
C9 OLA U . 11.89 11.08 -11.38
C10 OLA U . 12.23 10.10 -12.22
C11 OLA U . 12.56 8.70 -11.74
C12 OLA U . 12.30 7.73 -12.88
C13 OLA U . 12.92 6.37 -12.60
C14 OLA U . 11.84 5.34 -12.24
C15 OLA U . 12.42 4.25 -11.34
C16 OLA U . 11.42 3.13 -11.11
C17 OLA U . 10.90 3.14 -9.67
C18 OLA U . 10.45 1.77 -9.26
C1 OLA V . -9.52 -3.21 21.20
O1 OLA V . -10.54 -3.56 20.56
O2 OLA V . -9.38 -2.07 21.69
C2 OLA V . -8.42 -4.22 21.38
C3 OLA V . -8.06 -4.79 20.00
C4 OLA V . -7.59 -6.22 20.11
C5 OLA V . -7.10 -6.70 18.74
C6 OLA V . -6.36 -8.02 18.87
C7 OLA V . -5.10 -8.02 18.02
C8 OLA V . -4.48 -9.41 18.05
C9 OLA V . -5.39 -10.37 17.33
C10 OLA V . -5.11 -11.66 17.33
C11 OLA V . -3.91 -12.14 18.11
C12 OLA V . -2.89 -12.77 17.16
C13 OLA V . -3.28 -14.18 16.74
C14 OLA V . -2.45 -14.61 15.54
C15 OLA V . -2.42 -16.13 15.39
C16 OLA V . -1.53 -16.76 16.44
C17 OLA V . -1.57 -18.28 16.35
C1 OLA W . -18.72 -5.37 4.19
O1 OLA W . -19.37 -6.30 3.66
O2 OLA W . -19.20 -4.23 4.39
C2 OLA W . -17.31 -5.63 4.62
C3 OLA W . -16.92 -7.07 4.32
C4 OLA W . -15.42 -7.26 4.45
C5 OLA W . -15.04 -8.02 5.72
C6 OLA W . -14.60 -9.44 5.37
C7 OLA W . -13.41 -9.87 6.22
C8 OLA W . -12.60 -10.93 5.49
C9 OLA W . -11.92 -11.81 6.52
C10 OLA W . -11.74 -13.11 6.30
C11 OLA W . -12.17 -13.78 5.01
C12 OLA W . -11.41 -15.11 4.93
C13 OLA W . -11.32 -15.65 3.50
C14 OLA W . -10.29 -16.76 3.44
C15 OLA W . -9.02 -16.33 4.16
C16 OLA W . -7.78 -17.06 3.65
C17 OLA W . -6.53 -16.33 4.10
C18 OLA W . -6.59 -14.86 3.71
C1 OLA X . 10.96 6.52 4.14
O1 OLA X . 10.09 7.41 3.99
O2 OLA X . 11.93 6.66 4.91
C2 OLA X . 10.83 5.23 3.38
C3 OLA X . 11.47 4.09 4.15
C4 OLA X . 11.41 2.81 3.32
C5 OLA X . 12.19 1.66 3.97
C6 OLA X . 12.13 0.44 3.07
C7 OLA X . 12.32 -0.83 3.86
C8 OLA X . 13.74 -0.95 4.42
C9 OLA X . 13.68 -1.73 5.71
C10 OLA X . 13.95 -3.03 5.73
C11 OLA X . 14.32 -3.77 4.46
#